data_4LXG
#
_entry.id   4LXG
#
_cell.length_a   66.983
_cell.length_b   66.983
_cell.length_c   327.743
_cell.angle_alpha   90.00
_cell.angle_beta   90.00
_cell.angle_gamma   120.00
#
_symmetry.space_group_name_H-M   'P 65 2 2'
#
loop_
_entity.id
_entity.type
_entity.pdbx_description
1 polymer 'MCP Hydrolase'
2 non-polymer 'SULFATE ION'
3 water water
#
_entity_poly.entity_id   1
_entity_poly.type   'polypeptide(L)'
_entity_poly.pdbx_seq_one_letter_code
;MFEQFESKFIDCDGIRTHYIEMGEGDPLVLVHGGGAGADGRSNFADNFPIFARHMRVIAYDMVGFGQTDAPDPAGFAYTQ
AARTDHLISFIKALGLSKICLIGNSMGGTTACGAALKAPELIDRLVLMGAAVNISPDDMVANRDDLAAVMSYDGSEEGMR
KIIAALTHSYQPTDDIVHYRHEASLRPTTTAAYKATMGWAKQNGLYYSPEQLASLTMPVLVLGGKNDVMVPVRKVIDQIL
AIPQAIGHVFPNCGHWVMIEYPEEFCTQTLHFFGKLD
;
_entity_poly.pdbx_strand_id   A
#
loop_
_chem_comp.id
_chem_comp.type
_chem_comp.name
_chem_comp.formula
SO4 non-polymer 'SULFATE ION' 'O4 S -2'
#
# COMPACT_ATOMS: atom_id res chain seq x y z
N MET A 1 -17.90 6.58 -8.40
CA MET A 1 -16.63 6.57 -9.17
C MET A 1 -16.02 5.17 -9.20
N PHE A 2 -15.14 4.93 -10.19
CA PHE A 2 -14.43 3.65 -10.36
C PHE A 2 -15.34 2.47 -10.76
N GLU A 3 -16.52 2.75 -11.30
CA GLU A 3 -17.46 1.69 -11.67
C GLU A 3 -17.01 0.86 -12.87
N GLN A 4 -15.89 1.19 -13.48
CA GLN A 4 -15.36 0.36 -14.56
C GLN A 4 -14.86 -0.99 -14.02
N PHE A 5 -14.61 -1.05 -12.71
CA PHE A 5 -14.18 -2.27 -12.05
C PHE A 5 -15.36 -2.91 -11.31
N GLU A 6 -15.50 -4.23 -11.44
CA GLU A 6 -16.51 -4.95 -10.67
C GLU A 6 -16.05 -5.19 -9.23
N SER A 7 -16.83 -4.72 -8.27
CA SER A 7 -16.55 -4.98 -6.86
C SER A 7 -16.79 -6.46 -6.55
N LYS A 8 -15.77 -7.12 -6.03
CA LYS A 8 -15.88 -8.51 -5.63
C LYS A 8 -15.61 -8.65 -4.12
N PHE A 9 -16.09 -9.75 -3.55
CA PHE A 9 -15.97 -9.98 -2.14
C PHE A 9 -15.64 -11.44 -1.91
N ILE A 10 -14.78 -11.69 -0.93
CA ILE A 10 -14.45 -13.06 -0.53
C ILE A 10 -14.16 -13.10 0.97
N ASP A 11 -14.62 -14.15 1.64
CA ASP A 11 -14.36 -14.32 3.05
C ASP A 11 -12.91 -14.72 3.29
N CYS A 12 -12.22 -13.95 4.15
CA CYS A 12 -10.84 -14.24 4.54
C CYS A 12 -10.76 -14.45 6.05
N ASP A 13 -10.94 -15.71 6.48
CA ASP A 13 -10.98 -16.08 7.90
C ASP A 13 -11.91 -15.18 8.72
N GLY A 14 -13.14 -15.01 8.25
CA GLY A 14 -14.13 -14.22 8.97
C GLY A 14 -14.18 -12.76 8.56
N ILE A 15 -13.20 -12.32 7.78
CA ILE A 15 -13.17 -10.94 7.29
C ILE A 15 -13.61 -10.90 5.83
N ARG A 16 -14.83 -10.43 5.61
CA ARG A 16 -15.32 -10.19 4.25
C ARG A 16 -14.46 -9.10 3.59
N THR A 17 -13.79 -9.47 2.50
CA THR A 17 -12.73 -8.66 1.90
C THR A 17 -13.12 -8.18 0.50
N HIS A 18 -13.12 -6.86 0.31
CA HIS A 18 -13.40 -6.27 -1.00
C HIS A 18 -12.15 -6.32 -1.88
N TYR A 19 -12.34 -6.69 -3.15
CA TYR A 19 -11.26 -6.60 -4.13
C TYR A 19 -11.80 -6.34 -5.53
N ILE A 20 -10.95 -5.73 -6.36
CA ILE A 20 -11.23 -5.62 -7.79
C ILE A 20 -10.09 -6.28 -8.56
N GLU A 21 -10.39 -6.78 -9.75
CA GLU A 21 -9.39 -7.44 -10.58
C GLU A 21 -9.67 -7.27 -12.07
N MET A 22 -8.62 -7.39 -12.87
CA MET A 22 -8.69 -7.18 -14.31
C MET A 22 -7.55 -7.96 -14.95
N GLY A 23 -7.74 -8.39 -16.20
CA GLY A 23 -6.71 -9.14 -16.94
C GLY A 23 -6.64 -10.62 -16.63
N GLU A 24 -5.72 -11.32 -17.30
CA GLU A 24 -5.54 -12.76 -17.12
C GLU A 24 -4.06 -13.12 -17.08
N GLY A 25 -3.74 -14.35 -16.69
CA GLY A 25 -2.35 -14.81 -16.63
C GLY A 25 -1.86 -14.85 -15.19
N ASP A 26 -0.56 -14.63 -14.99
CA ASP A 26 0.05 -14.68 -13.66
C ASP A 26 -0.53 -13.64 -12.71
N PRO A 27 -0.74 -14.01 -11.43
CA PRO A 27 -1.35 -13.08 -10.48
C PRO A 27 -0.41 -11.97 -9.98
N LEU A 28 -0.96 -10.76 -9.89
CA LEU A 28 -0.29 -9.61 -9.31
C LEU A 28 -1.23 -8.99 -8.31
N VAL A 29 -0.78 -8.88 -7.06
CA VAL A 29 -1.60 -8.32 -5.99
C VAL A 29 -1.02 -6.96 -5.59
N LEU A 30 -1.89 -5.97 -5.45
CA LEU A 30 -1.47 -4.61 -5.12
C LEU A 30 -2.04 -4.25 -3.77
N VAL A 31 -1.17 -3.76 -2.87
CA VAL A 31 -1.57 -3.42 -1.51
C VAL A 31 -1.49 -1.92 -1.30
N HIS A 32 -2.64 -1.30 -0.98
CA HIS A 32 -2.73 0.16 -0.82
C HIS A 32 -2.07 0.70 0.45
N GLY A 33 -1.94 2.02 0.52
CA GLY A 33 -1.34 2.71 1.67
C GLY A 33 -2.26 2.83 2.88
N GLY A 34 -1.75 3.50 3.91
CA GLY A 34 -2.41 3.58 5.20
C GLY A 34 -3.10 4.89 5.50
N GLY A 35 -3.17 5.77 4.51
CA GLY A 35 -3.84 7.07 4.63
C GLY A 35 -5.33 6.97 4.94
N ALA A 36 -5.91 8.10 5.35
CA ALA A 36 -7.33 8.14 5.72
C ALA A 36 -8.19 7.96 4.48
N GLY A 37 -9.02 6.91 4.49
CA GLY A 37 -9.87 6.59 3.35
C GLY A 37 -9.15 5.92 2.17
N ALA A 38 -7.88 5.58 2.36
CA ALA A 38 -7.13 4.83 1.34
C ALA A 38 -7.83 3.51 1.03
N ASP A 39 -7.71 3.06 -0.22
CA ASP A 39 -8.24 1.76 -0.66
C ASP A 39 -7.58 1.32 -1.97
N GLY A 40 -7.93 0.12 -2.43
CA GLY A 40 -7.33 -0.44 -3.66
C GLY A 40 -7.48 0.42 -4.90
N ARG A 41 -8.72 0.80 -5.20
CA ARG A 41 -8.97 1.57 -6.43
C ARG A 41 -8.40 3.00 -6.40
N SER A 42 -8.51 3.71 -5.28
CA SER A 42 -7.96 5.08 -5.20
C SER A 42 -6.43 5.08 -5.31
N ASN A 43 -5.79 3.99 -4.87
CA ASN A 43 -4.35 3.86 -5.00
C ASN A 43 -3.88 3.41 -6.38
N PHE A 44 -4.64 2.52 -7.03
CA PHE A 44 -4.13 1.77 -8.18
C PHE A 44 -4.96 1.82 -9.47
N ALA A 45 -6.14 2.42 -9.43
CA ALA A 45 -7.02 2.48 -10.61
C ALA A 45 -6.23 2.77 -11.88
N ASP A 46 -5.39 3.80 -11.83
CA ASP A 46 -4.66 4.26 -12.99
C ASP A 46 -3.69 3.23 -13.59
N ASN A 47 -3.20 2.31 -12.76
CA ASN A 47 -2.23 1.30 -13.19
C ASN A 47 -2.89 0.03 -13.72
N PHE A 48 -4.16 -0.16 -13.39
CA PHE A 48 -4.91 -1.37 -13.74
C PHE A 48 -4.88 -1.76 -15.22
N PRO A 49 -5.23 -0.83 -16.14
CA PRO A 49 -5.21 -1.18 -17.56
C PRO A 49 -3.85 -1.64 -18.10
N ILE A 50 -2.76 -0.98 -17.69
CA ILE A 50 -1.43 -1.37 -18.17
C ILE A 50 -1.07 -2.75 -17.63
N PHE A 51 -1.24 -2.93 -16.31
CA PHE A 51 -0.97 -4.22 -15.68
C PHE A 51 -1.77 -5.36 -16.30
N ALA A 52 -3.07 -5.11 -16.54
CA ALA A 52 -4.00 -6.13 -17.06
C ALA A 52 -3.67 -6.60 -18.48
N ARG A 53 -2.88 -5.82 -19.21
CA ARG A 53 -2.40 -6.25 -20.51
C ARG A 53 -1.46 -7.45 -20.40
N HIS A 54 -0.89 -7.65 -19.21
CA HIS A 54 0.18 -8.63 -19.03
C HIS A 54 -0.12 -9.68 -17.97
N MET A 55 -0.94 -9.31 -17.00
CA MET A 55 -1.14 -10.15 -15.82
C MET A 55 -2.58 -10.05 -15.34
N ARG A 56 -2.95 -10.93 -14.42
CA ARG A 56 -4.19 -10.79 -13.68
C ARG A 56 -3.89 -9.90 -12.48
N VAL A 57 -4.34 -8.65 -12.55
CA VAL A 57 -4.01 -7.68 -11.50
C VAL A 57 -5.14 -7.51 -10.50
N ILE A 58 -4.78 -7.58 -9.23
CA ILE A 58 -5.75 -7.64 -8.12
C ILE A 58 -5.39 -6.58 -7.08
N ALA A 59 -6.37 -5.78 -6.70
CA ALA A 59 -6.19 -4.85 -5.59
C ALA A 59 -7.33 -5.09 -4.61
N TYR A 60 -6.96 -5.26 -3.33
CA TYR A 60 -7.91 -5.53 -2.27
C TYR A 60 -7.84 -4.43 -1.22
N ASP A 61 -8.84 -4.37 -0.35
CA ASP A 61 -8.83 -3.41 0.74
C ASP A 61 -8.36 -4.13 2.02
N MET A 62 -7.32 -3.59 2.66
CA MET A 62 -6.83 -4.13 3.95
C MET A 62 -7.93 -4.08 5.01
N VAL A 63 -7.84 -4.97 6.01
CA VAL A 63 -8.76 -4.92 7.14
C VAL A 63 -8.74 -3.51 7.77
N GLY A 64 -9.93 -2.96 8.03
CA GLY A 64 -10.06 -1.58 8.50
C GLY A 64 -10.09 -0.51 7.43
N PHE A 65 -10.22 -0.91 6.17
CA PHE A 65 -10.12 0.01 5.04
C PHE A 65 -11.14 -0.28 3.95
N GLY A 66 -11.53 0.77 3.23
CA GLY A 66 -12.35 0.62 2.02
C GLY A 66 -13.65 -0.08 2.28
N GLN A 67 -13.93 -1.14 1.52
CA GLN A 67 -15.20 -1.85 1.66
C GLN A 67 -14.99 -3.22 2.28
N THR A 68 -13.78 -3.46 2.81
CA THR A 68 -13.53 -4.68 3.54
C THR A 68 -14.14 -4.51 4.93
N ASP A 69 -14.54 -5.62 5.57
CA ASP A 69 -14.95 -5.65 6.98
C ASP A 69 -13.99 -4.87 7.84
N ALA A 70 -14.50 -3.92 8.61
CA ALA A 70 -13.70 -3.24 9.62
C ALA A 70 -14.26 -3.62 10.99
N PRO A 71 -13.79 -4.74 11.56
CA PRO A 71 -14.30 -5.17 12.86
C PRO A 71 -14.12 -4.06 13.90
N ASP A 72 -15.15 -3.89 14.73
CA ASP A 72 -15.19 -2.83 15.74
C ASP A 72 -13.94 -2.86 16.60
N PRO A 73 -13.18 -1.75 16.61
CA PRO A 73 -11.95 -1.70 17.42
C PRO A 73 -12.21 -1.72 18.93
N ALA A 74 -13.46 -1.89 19.34
CA ALA A 74 -13.76 -2.18 20.74
C ALA A 74 -13.42 -3.65 21.03
N GLY A 75 -13.33 -4.45 19.97
CA GLY A 75 -13.10 -5.89 20.10
C GLY A 75 -12.00 -6.45 19.23
N PHE A 76 -11.42 -5.61 18.38
CA PHE A 76 -10.41 -6.04 17.42
C PHE A 76 -9.18 -5.15 17.54
N ALA A 77 -7.99 -5.77 17.57
CA ALA A 77 -6.75 -5.03 17.68
C ALA A 77 -6.18 -4.86 16.29
N TYR A 78 -5.98 -3.60 15.92
CA TYR A 78 -5.49 -3.24 14.61
C TYR A 78 -3.97 -3.16 14.57
N THR A 79 -3.35 -4.32 14.71
CA THR A 79 -1.90 -4.46 14.74
C THR A 79 -1.37 -4.66 13.31
N GLN A 80 -0.05 -4.63 13.11
CA GLN A 80 0.51 -4.99 11.81
C GLN A 80 0.24 -6.46 11.51
N ALA A 81 0.40 -7.31 12.52
CA ALA A 81 0.13 -8.73 12.40
C ALA A 81 -1.24 -9.01 11.78
N ALA A 82 -2.24 -8.23 12.16
CA ALA A 82 -3.60 -8.43 11.68
C ALA A 82 -3.69 -8.16 10.18
N ARG A 83 -3.01 -7.10 9.72
CA ARG A 83 -2.98 -6.78 8.29
C ARG A 83 -2.21 -7.84 7.50
N THR A 84 -1.06 -8.24 8.04
CA THR A 84 -0.22 -9.28 7.47
C THR A 84 -0.96 -10.63 7.31
N ASP A 85 -1.63 -11.05 8.39
CA ASP A 85 -2.39 -12.30 8.37
C ASP A 85 -3.58 -12.23 7.41
N HIS A 86 -4.23 -11.07 7.36
CA HIS A 86 -5.32 -10.81 6.43
C HIS A 86 -4.87 -10.96 4.96
N LEU A 87 -3.75 -10.35 4.60
CA LEU A 87 -3.17 -10.49 3.26
C LEU A 87 -2.91 -11.95 2.91
N ILE A 88 -2.20 -12.65 3.79
CA ILE A 88 -1.95 -14.09 3.66
C ILE A 88 -3.26 -14.86 3.46
N SER A 89 -4.26 -14.52 4.26
CA SER A 89 -5.58 -15.14 4.17
C SER A 89 -6.21 -14.86 2.81
N PHE A 90 -6.06 -13.62 2.34
CA PHE A 90 -6.61 -13.20 1.06
C PHE A 90 -6.00 -13.96 -0.12
N ILE A 91 -4.68 -14.11 -0.12
CA ILE A 91 -3.97 -14.83 -1.18
C ILE A 91 -4.43 -16.29 -1.25
N LYS A 92 -4.51 -16.94 -0.09
CA LYS A 92 -4.95 -18.33 0.02
C LYS A 92 -6.40 -18.55 -0.37
N ALA A 93 -7.28 -17.61 0.00
CA ALA A 93 -8.71 -17.72 -0.31
C ALA A 93 -8.99 -17.68 -1.82
N LEU A 94 -8.23 -16.87 -2.55
CA LEU A 94 -8.34 -16.82 -4.01
C LEU A 94 -7.58 -17.97 -4.69
N GLY A 95 -6.85 -18.76 -3.90
CA GLY A 95 -6.09 -19.88 -4.41
C GLY A 95 -4.94 -19.49 -5.33
N LEU A 96 -4.33 -18.34 -5.07
CA LEU A 96 -3.19 -17.90 -5.85
C LEU A 96 -1.91 -18.48 -5.26
N SER A 97 -0.94 -18.77 -6.12
CA SER A 97 0.38 -19.19 -5.69
C SER A 97 1.45 -18.41 -6.45
N LYS A 98 2.66 -18.35 -5.87
CA LYS A 98 3.80 -17.69 -6.49
C LYS A 98 3.37 -16.38 -7.17
N ILE A 99 2.86 -15.46 -6.37
CA ILE A 99 2.36 -14.19 -6.89
C ILE A 99 3.45 -13.15 -7.00
N CYS A 100 3.18 -12.12 -7.80
CA CYS A 100 3.92 -10.87 -7.72
C CYS A 100 3.14 -9.95 -6.78
N LEU A 101 3.87 -9.20 -5.97
CA LEU A 101 3.24 -8.44 -4.90
C LEU A 101 3.84 -7.03 -4.80
N ILE A 102 2.97 -6.02 -4.73
CA ILE A 102 3.41 -4.63 -4.59
C ILE A 102 2.66 -3.96 -3.43
N GLY A 103 3.41 -3.41 -2.48
CA GLY A 103 2.80 -2.63 -1.42
C GLY A 103 3.33 -1.21 -1.37
N ASN A 104 2.43 -0.24 -1.28
CA ASN A 104 2.79 1.12 -0.96
C ASN A 104 2.66 1.44 0.51
N SER A 105 3.68 2.08 1.09
CA SER A 105 3.61 2.59 2.47
C SER A 105 3.25 1.48 3.48
N MET A 106 2.14 1.65 4.22
CA MET A 106 1.64 0.61 5.13
C MET A 106 1.25 -0.68 4.39
N GLY A 107 0.85 -0.54 3.13
CA GLY A 107 0.67 -1.68 2.24
C GLY A 107 2.00 -2.38 2.00
N GLY A 108 3.07 -1.59 1.95
CA GLY A 108 4.44 -2.14 1.90
C GLY A 108 4.81 -2.90 3.17
N THR A 109 4.39 -2.37 4.32
CA THR A 109 4.62 -3.07 5.58
C THR A 109 3.98 -4.43 5.53
N THR A 110 2.77 -4.47 4.95
CA THR A 110 1.95 -5.66 4.93
C THR A 110 2.49 -6.69 3.95
N ALA A 111 2.86 -6.21 2.75
CA ALA A 111 3.51 -7.04 1.74
C ALA A 111 4.80 -7.65 2.28
N CYS A 112 5.60 -6.84 2.97
CA CYS A 112 6.85 -7.32 3.53
C CYS A 112 6.57 -8.38 4.58
N GLY A 113 5.54 -8.15 5.40
CA GLY A 113 5.13 -9.08 6.45
C GLY A 113 4.69 -10.43 5.91
N ALA A 114 3.88 -10.41 4.86
CA ALA A 114 3.42 -11.64 4.20
C ALA A 114 4.59 -12.38 3.52
N ALA A 115 5.51 -11.62 2.96
CA ALA A 115 6.69 -12.18 2.31
C ALA A 115 7.59 -12.91 3.30
N LEU A 116 7.66 -12.39 4.53
CA LEU A 116 8.44 -13.01 5.60
C LEU A 116 7.75 -14.23 6.18
N LYS A 117 6.47 -14.10 6.46
CA LYS A 117 5.71 -15.15 7.13
C LYS A 117 5.29 -16.28 6.17
N ALA A 118 4.92 -15.92 4.95
CA ALA A 118 4.46 -16.91 3.98
C ALA A 118 5.19 -16.72 2.64
N PRO A 119 6.52 -17.00 2.63
CA PRO A 119 7.28 -16.75 1.41
C PRO A 119 6.87 -17.65 0.25
N GLU A 120 6.32 -18.83 0.57
CA GLU A 120 5.90 -19.79 -0.44
C GLU A 120 4.80 -19.25 -1.37
N LEU A 121 4.08 -18.23 -0.91
CA LEU A 121 3.00 -17.59 -1.68
C LEU A 121 3.47 -16.51 -2.66
N ILE A 122 4.72 -16.07 -2.54
CA ILE A 122 5.18 -14.85 -3.20
C ILE A 122 6.50 -15.07 -3.96
N ASP A 123 6.44 -14.89 -5.27
CA ASP A 123 7.61 -15.03 -6.13
C ASP A 123 8.43 -13.75 -6.24
N ARG A 124 7.75 -12.61 -6.25
CA ARG A 124 8.40 -11.33 -6.52
C ARG A 124 7.80 -10.27 -5.60
N LEU A 125 8.67 -9.48 -4.98
CA LEU A 125 8.23 -8.48 -4.01
C LEU A 125 8.67 -7.08 -4.39
N VAL A 126 7.74 -6.14 -4.38
CA VAL A 126 8.05 -4.75 -4.62
C VAL A 126 7.66 -3.95 -3.39
N LEU A 127 8.64 -3.27 -2.81
CA LEU A 127 8.39 -2.38 -1.67
C LEU A 127 8.50 -0.94 -2.14
N MET A 128 7.40 -0.22 -2.06
CA MET A 128 7.32 1.09 -2.68
C MET A 128 6.98 2.12 -1.61
N GLY A 129 7.85 3.10 -1.45
CA GLY A 129 7.75 4.03 -0.30
C GLY A 129 7.29 3.29 0.93
N ALA A 130 7.88 2.12 1.17
CA ALA A 130 7.37 1.15 2.13
C ALA A 130 7.76 1.45 3.56
N ALA A 131 6.78 1.36 4.47
CA ALA A 131 7.03 1.62 5.88
C ALA A 131 7.52 0.33 6.54
N VAL A 132 8.78 -0.01 6.33
CA VAL A 132 9.33 -1.28 6.81
C VAL A 132 10.55 -1.12 7.71
N ASN A 133 10.93 0.13 7.96
CA ASN A 133 12.04 0.46 8.86
C ASN A 133 11.76 1.78 9.58
N ILE A 134 10.50 1.96 9.98
CA ILE A 134 10.02 3.21 10.55
C ILE A 134 9.76 3.00 12.05
N SER A 135 10.59 3.62 12.88
CA SER A 135 10.46 3.53 14.33
C SER A 135 9.36 4.46 14.85
N PRO A 136 8.90 4.23 16.11
CA PRO A 136 7.99 5.16 16.79
C PRO A 136 8.49 6.60 16.72
N ASP A 137 9.75 6.83 17.07
CA ASP A 137 10.38 8.14 16.95
C ASP A 137 10.25 8.74 15.54
N ASP A 138 10.48 7.89 14.52
CA ASP A 138 10.33 8.28 13.12
C ASP A 138 8.89 8.71 12.79
N MET A 139 7.91 8.09 13.44
CA MET A 139 6.49 8.39 13.18
C MET A 139 6.11 9.83 13.54
N VAL A 140 6.87 10.42 14.47
CA VAL A 140 6.68 11.81 14.86
C VAL A 140 7.96 12.58 14.54
N ALA A 141 8.26 12.71 13.24
CA ALA A 141 9.45 13.41 12.76
C ALA A 141 9.29 13.89 11.32
N ASP A 144 6.20 17.91 10.95
CA ASP A 144 6.28 19.18 10.25
C ASP A 144 5.93 19.03 8.76
N ASP A 145 6.68 18.19 8.05
CA ASP A 145 6.40 17.86 6.65
C ASP A 145 5.04 17.20 6.50
N LEU A 146 4.54 16.67 7.61
CA LEU A 146 3.30 15.93 7.62
C LEU A 146 2.14 16.73 8.25
N ALA A 147 2.32 18.04 8.44
CA ALA A 147 1.31 18.88 9.09
C ALA A 147 -0.10 18.71 8.51
N ALA A 148 -0.21 18.78 7.18
CA ALA A 148 -1.48 18.60 6.48
C ALA A 148 -2.12 17.23 6.75
N VAL A 149 -1.27 16.20 6.90
CA VAL A 149 -1.75 14.85 7.23
C VAL A 149 -2.11 14.77 8.70
N MET A 150 -1.13 15.04 9.56
CA MET A 150 -1.26 14.89 11.01
C MET A 150 -2.46 15.64 11.59
N SER A 151 -2.74 16.82 11.04
CA SER A 151 -3.84 17.66 11.53
C SER A 151 -4.92 17.93 10.48
N TYR A 152 -5.24 16.89 9.71
CA TYR A 152 -6.34 16.94 8.73
C TYR A 152 -7.66 17.23 9.46
N ASP A 153 -8.41 18.21 8.96
CA ASP A 153 -9.63 18.68 9.62
C ASP A 153 -10.92 18.09 9.00
N GLY A 154 -10.75 17.22 8.00
CA GLY A 154 -11.89 16.55 7.38
C GLY A 154 -12.57 17.35 6.27
N SER A 155 -11.99 18.49 5.90
CA SER A 155 -12.53 19.34 4.84
C SER A 155 -11.95 18.95 3.48
N GLU A 156 -12.62 19.41 2.41
CA GLU A 156 -12.14 19.19 1.05
C GLU A 156 -10.82 19.91 0.82
N GLU A 157 -10.70 21.12 1.34
CA GLU A 157 -9.46 21.89 1.25
C GLU A 157 -8.33 21.16 1.96
N GLY A 158 -8.63 20.58 3.11
CA GLY A 158 -7.67 19.77 3.86
C GLY A 158 -7.19 18.57 3.08
N MET A 159 -8.11 17.92 2.35
CA MET A 159 -7.76 16.77 1.53
C MET A 159 -6.84 17.16 0.36
N ARG A 160 -7.14 18.27 -0.30
CA ARG A 160 -6.27 18.83 -1.33
C ARG A 160 -4.87 19.15 -0.77
N LYS A 161 -4.83 19.56 0.50
CA LYS A 161 -3.55 19.85 1.16
C LYS A 161 -2.75 18.57 1.43
N ILE A 162 -3.45 17.49 1.78
CA ILE A 162 -2.81 16.19 1.95
C ILE A 162 -2.18 15.71 0.64
N ILE A 163 -2.97 15.70 -0.42
CA ILE A 163 -2.50 15.27 -1.74
C ILE A 163 -1.28 16.10 -2.18
N ALA A 164 -1.36 17.42 -1.97
CA ALA A 164 -0.28 18.33 -2.31
C ALA A 164 0.99 18.05 -1.50
N ALA A 165 0.81 17.65 -0.25
CA ALA A 165 1.96 17.38 0.63
C ALA A 165 2.58 16.02 0.33
N LEU A 166 1.77 15.10 -0.17
CA LEU A 166 2.21 13.72 -0.39
C LEU A 166 2.72 13.46 -1.80
N THR A 167 2.57 14.43 -2.69
CA THR A 167 3.04 14.32 -4.08
C THR A 167 3.89 15.53 -4.43
N HIS A 168 4.65 15.44 -5.53
CA HIS A 168 5.54 16.51 -5.95
C HIS A 168 4.87 17.59 -6.79
N SER A 169 4.20 17.21 -7.87
CA SER A 169 3.51 18.19 -8.73
C SER A 169 2.16 17.70 -9.21
N TYR A 170 1.77 16.52 -8.75
CA TYR A 170 0.51 15.89 -9.15
C TYR A 170 -0.68 16.76 -8.80
N GLN A 171 -1.54 17.00 -9.79
CA GLN A 171 -2.76 17.76 -9.60
C GLN A 171 -3.97 16.84 -9.78
N PRO A 172 -4.61 16.44 -8.66
CA PRO A 172 -5.74 15.50 -8.76
C PRO A 172 -6.93 16.15 -9.46
N THR A 173 -7.77 15.34 -10.09
CA THR A 173 -9.05 15.87 -10.62
C THR A 173 -10.00 16.09 -9.45
N ASP A 174 -11.06 16.86 -9.71
CA ASP A 174 -12.11 17.12 -8.72
C ASP A 174 -12.79 15.85 -8.26
N ASP A 175 -13.02 14.92 -9.18
CA ASP A 175 -13.60 13.62 -8.83
C ASP A 175 -12.68 12.78 -7.92
N ILE A 176 -11.38 12.93 -8.07
CA ILE A 176 -10.44 12.23 -7.20
C ILE A 176 -10.46 12.86 -5.81
N VAL A 177 -10.43 14.20 -5.79
CA VAL A 177 -10.49 14.95 -4.54
C VAL A 177 -11.75 14.57 -3.78
N HIS A 178 -12.90 14.63 -4.47
CA HIS A 178 -14.20 14.32 -3.87
C HIS A 178 -14.23 12.89 -3.33
N TYR A 179 -13.73 11.93 -4.12
CA TYR A 179 -13.70 10.53 -3.69
C TYR A 179 -12.86 10.34 -2.42
N ARG A 180 -11.63 10.86 -2.44
CA ARG A 180 -10.71 10.71 -1.30
C ARG A 180 -11.24 11.40 -0.05
N HIS A 181 -11.80 12.59 -0.23
CA HIS A 181 -12.40 13.35 0.85
C HIS A 181 -13.53 12.57 1.52
N GLU A 182 -14.48 12.08 0.73
CA GLU A 182 -15.59 11.29 1.27
C GLU A 182 -15.11 9.97 1.87
N ALA A 183 -14.19 9.30 1.18
CA ALA A 183 -13.57 8.07 1.67
C ALA A 183 -12.99 8.23 3.07
N SER A 184 -12.38 9.38 3.32
CA SER A 184 -11.74 9.67 4.61
C SER A 184 -12.75 9.89 5.75
N LEU A 185 -14.02 10.08 5.41
CA LEU A 185 -15.05 10.39 6.40
C LEU A 185 -16.02 9.22 6.69
N ARG A 186 -15.85 8.11 5.99
CA ARG A 186 -16.73 6.94 6.18
C ARG A 186 -16.76 6.53 7.67
N PRO A 187 -17.96 6.57 8.29
CA PRO A 187 -18.04 6.23 9.73
C PRO A 187 -17.56 4.79 10.00
N THR A 188 -17.93 3.87 9.10
CA THR A 188 -17.49 2.47 9.13
C THR A 188 -15.99 2.31 9.42
N THR A 189 -15.15 3.03 8.67
CA THR A 189 -13.70 2.87 8.71
C THR A 189 -12.97 3.97 9.48
N THR A 190 -13.74 4.91 10.05
CA THR A 190 -13.23 5.99 10.91
C THR A 190 -12.50 5.41 12.12
N ALA A 191 -13.25 4.73 12.98
CA ALA A 191 -12.74 4.16 14.22
C ALA A 191 -11.63 3.15 13.96
N ALA A 192 -11.79 2.31 12.94
CA ALA A 192 -10.76 1.35 12.53
C ALA A 192 -9.45 2.03 12.17
N TYR A 193 -9.56 3.17 11.47
CA TYR A 193 -8.39 3.93 11.05
C TYR A 193 -7.66 4.55 12.24
N LYS A 194 -8.43 5.05 13.22
CA LYS A 194 -7.85 5.67 14.41
C LYS A 194 -7.10 4.68 15.27
N ALA A 195 -7.59 3.44 15.29
CA ALA A 195 -6.91 2.35 15.98
C ALA A 195 -5.66 1.95 15.21
N THR A 196 -5.78 1.94 13.89
CA THR A 196 -4.67 1.63 12.98
C THR A 196 -3.53 2.61 13.17
N MET A 197 -3.85 3.90 13.17
CA MET A 197 -2.84 4.95 13.30
C MET A 197 -2.29 5.03 14.71
N GLY A 198 -3.17 4.88 15.70
CA GLY A 198 -2.75 4.84 17.10
C GLY A 198 -1.71 3.75 17.31
N TRP A 199 -1.97 2.57 16.74
CA TRP A 199 -1.06 1.45 16.87
C TRP A 199 0.28 1.72 16.17
N ALA A 200 0.22 2.25 14.96
CA ALA A 200 1.40 2.53 14.15
C ALA A 200 2.30 3.58 14.81
N LYS A 201 1.71 4.65 15.34
CA LYS A 201 2.47 5.69 16.04
C LYS A 201 3.19 5.14 17.26
N GLN A 202 2.53 4.23 17.98
CA GLN A 202 3.07 3.66 19.21
C GLN A 202 4.11 2.58 18.98
N ASN A 203 3.90 1.73 17.98
CA ASN A 203 4.76 0.56 17.78
C ASN A 203 5.74 0.72 16.61
N GLY A 204 5.49 1.71 15.77
CA GLY A 204 6.26 1.87 14.54
C GLY A 204 5.80 0.89 13.48
N LEU A 205 6.35 1.04 12.27
CA LEU A 205 6.10 0.11 11.18
C LEU A 205 7.47 -0.29 10.64
N TYR A 206 7.96 -1.42 11.13
CA TYR A 206 9.32 -1.83 10.81
C TYR A 206 9.53 -3.32 11.00
N TYR A 207 10.62 -3.79 10.39
CA TYR A 207 11.13 -5.13 10.59
C TYR A 207 12.60 -4.93 10.88
N SER A 208 13.21 -5.86 11.61
CA SER A 208 14.60 -5.71 12.01
C SER A 208 15.51 -5.80 10.77
N PRO A 209 16.74 -5.26 10.85
CA PRO A 209 17.68 -5.44 9.76
C PRO A 209 17.83 -6.91 9.38
N GLU A 210 17.85 -7.78 10.38
CA GLU A 210 17.96 -9.23 10.16
C GLU A 210 16.75 -9.81 9.45
N GLN A 211 15.56 -9.35 9.82
CA GLN A 211 14.35 -9.77 9.11
C GLN A 211 14.40 -9.34 7.64
N LEU A 212 14.79 -8.09 7.38
CA LEU A 212 14.88 -7.57 6.03
C LEU A 212 15.92 -8.31 5.18
N ALA A 213 17.01 -8.74 5.82
CA ALA A 213 18.02 -9.55 5.14
C ALA A 213 17.58 -11.00 4.92
N SER A 214 16.52 -11.42 5.62
CA SER A 214 16.04 -12.81 5.55
C SER A 214 15.01 -13.08 4.44
N LEU A 215 14.58 -12.04 3.73
CA LEU A 215 13.66 -12.21 2.59
C LEU A 215 14.21 -13.20 1.56
N THR A 216 13.36 -14.12 1.10
CA THR A 216 13.85 -15.26 0.31
C THR A 216 13.60 -15.17 -1.20
N MET A 217 12.84 -14.17 -1.64
CA MET A 217 12.49 -14.03 -3.05
C MET A 217 13.15 -12.77 -3.65
N PRO A 218 13.14 -12.60 -4.99
CA PRO A 218 13.64 -11.34 -5.52
C PRO A 218 12.83 -10.13 -5.05
N VAL A 219 13.52 -9.02 -4.82
CA VAL A 219 12.89 -7.81 -4.28
C VAL A 219 13.28 -6.59 -5.10
N LEU A 220 12.30 -5.73 -5.32
CA LEU A 220 12.54 -4.44 -5.96
C LEU A 220 12.10 -3.34 -5.00
N VAL A 221 13.00 -2.40 -4.71
CA VAL A 221 12.68 -1.30 -3.80
C VAL A 221 12.56 0.01 -4.56
N LEU A 222 11.40 0.66 -4.40
CA LEU A 222 11.06 1.89 -5.12
C LEU A 222 10.78 3.01 -4.15
N GLY A 223 11.22 4.22 -4.49
CA GLY A 223 10.86 5.38 -3.67
C GLY A 223 11.01 6.67 -4.41
N GLY A 224 10.18 7.64 -4.05
CA GLY A 224 10.29 8.99 -4.59
C GLY A 224 11.30 9.78 -3.78
N LYS A 225 12.16 10.51 -4.49
CA LYS A 225 13.21 11.31 -3.86
C LYS A 225 12.64 12.40 -2.94
N ASN A 226 11.45 12.91 -3.26
CA ASN A 226 10.84 13.99 -2.49
C ASN A 226 9.75 13.51 -1.52
N ASP A 227 9.70 12.20 -1.27
CA ASP A 227 8.72 11.61 -0.38
C ASP A 227 8.94 12.11 1.05
N VAL A 228 7.93 12.77 1.62
CA VAL A 228 8.05 13.33 2.96
C VAL A 228 7.52 12.38 4.03
N MET A 229 6.80 11.34 3.63
CA MET A 229 6.21 10.40 4.59
C MET A 229 7.16 9.24 4.85
N VAL A 230 7.78 8.73 3.79
CA VAL A 230 8.85 7.76 3.93
C VAL A 230 10.04 8.39 3.21
N PRO A 231 10.90 9.11 3.97
CA PRO A 231 12.05 9.82 3.41
C PRO A 231 12.90 8.93 2.53
N VAL A 232 13.49 9.50 1.49
CA VAL A 232 14.26 8.71 0.53
C VAL A 232 15.42 7.93 1.22
N ARG A 233 16.02 8.53 2.25
CA ARG A 233 17.06 7.85 3.04
C ARG A 233 16.59 6.55 3.70
N LYS A 234 15.32 6.50 4.11
CA LYS A 234 14.71 5.25 4.59
C LYS A 234 14.63 4.22 3.47
N VAL A 235 14.27 4.68 2.28
CA VAL A 235 14.18 3.81 1.11
C VAL A 235 15.57 3.30 0.72
N ILE A 236 16.56 4.20 0.72
CA ILE A 236 17.96 3.83 0.53
C ILE A 236 18.38 2.76 1.55
N ASP A 237 18.02 2.96 2.82
CA ASP A 237 18.33 1.98 3.87
C ASP A 237 17.76 0.59 3.56
N GLN A 238 16.56 0.55 3.01
CA GLN A 238 15.93 -0.72 2.61
C GLN A 238 16.73 -1.38 1.48
N ILE A 239 17.19 -0.57 0.52
CA ILE A 239 17.98 -1.09 -0.59
C ILE A 239 19.24 -1.75 -0.08
N LEU A 240 19.87 -1.16 0.92
CA LEU A 240 21.12 -1.67 1.45
C LEU A 240 20.91 -2.83 2.43
N ALA A 241 19.76 -2.86 3.08
CA ALA A 241 19.46 -3.88 4.11
C ALA A 241 19.04 -5.22 3.50
N ILE A 242 18.44 -5.18 2.32
CA ILE A 242 18.01 -6.39 1.64
C ILE A 242 19.04 -6.70 0.54
N PRO A 243 19.93 -7.69 0.79
CA PRO A 243 21.04 -7.95 -0.15
C PRO A 243 20.59 -8.10 -1.62
N GLN A 244 19.54 -8.85 -1.89
CA GLN A 244 19.14 -9.11 -3.30
C GLN A 244 18.34 -7.96 -3.93
N ALA A 245 17.98 -6.94 -3.15
CA ALA A 245 17.09 -5.90 -3.63
C ALA A 245 17.67 -5.01 -4.70
N ILE A 246 16.92 -4.89 -5.80
CA ILE A 246 17.13 -3.88 -6.82
C ILE A 246 16.57 -2.57 -6.25
N GLY A 247 17.24 -1.46 -6.52
CA GLY A 247 16.75 -0.19 -6.01
C GLY A 247 16.47 0.74 -7.15
N HIS A 248 15.37 1.49 -7.08
CA HIS A 248 15.10 2.49 -8.08
C HIS A 248 14.53 3.74 -7.41
N VAL A 249 15.24 4.85 -7.56
CA VAL A 249 14.83 6.13 -6.99
C VAL A 249 14.28 7.05 -8.08
N PHE A 250 13.06 7.53 -7.86
CA PHE A 250 12.36 8.42 -8.79
C PHE A 250 12.55 9.87 -8.37
N PRO A 251 13.07 10.71 -9.28
CA PRO A 251 13.22 12.13 -8.97
C PRO A 251 11.88 12.86 -9.09
N ASN A 252 11.81 14.07 -8.54
CA ASN A 252 10.61 14.92 -8.64
C ASN A 252 9.36 14.13 -8.34
N CYS A 253 9.41 13.38 -7.25
CA CYS A 253 8.40 12.39 -6.95
C CYS A 253 8.19 12.29 -5.46
N GLY A 254 6.92 12.31 -5.04
CA GLY A 254 6.57 12.20 -3.61
C GLY A 254 6.29 10.78 -3.19
N HIS A 255 5.25 10.61 -2.39
CA HIS A 255 4.96 9.36 -1.70
C HIS A 255 4.12 8.38 -2.51
N TRP A 256 3.58 8.84 -3.66
CA TRP A 256 2.69 8.02 -4.49
C TRP A 256 3.28 7.79 -5.88
N VAL A 257 4.33 6.97 -5.95
CA VAL A 257 5.02 6.67 -7.23
C VAL A 257 4.03 6.15 -8.28
N MET A 258 3.17 5.22 -7.88
CA MET A 258 2.21 4.59 -8.78
C MET A 258 1.25 5.58 -9.41
N ILE A 259 0.94 6.66 -8.67
CA ILE A 259 0.00 7.68 -9.15
C ILE A 259 0.73 8.82 -9.85
N GLU A 260 1.86 9.22 -9.30
CA GLU A 260 2.63 10.34 -9.84
C GLU A 260 3.34 10.00 -11.16
N TYR A 261 3.87 8.78 -11.27
CA TYR A 261 4.50 8.30 -12.52
C TYR A 261 3.96 6.92 -12.91
N PRO A 262 2.68 6.85 -13.34
CA PRO A 262 2.01 5.56 -13.52
C PRO A 262 2.66 4.65 -14.56
N GLU A 263 3.12 5.22 -15.67
CA GLU A 263 3.72 4.44 -16.73
C GLU A 263 5.11 3.93 -16.34
N GLU A 264 5.94 4.82 -15.79
CA GLU A 264 7.28 4.42 -15.32
C GLU A 264 7.18 3.35 -14.23
N PHE A 265 6.23 3.53 -13.30
CA PHE A 265 5.93 2.53 -12.26
C PHE A 265 5.55 1.17 -12.85
N CYS A 266 4.60 1.18 -13.79
CA CYS A 266 4.19 -0.06 -14.45
C CYS A 266 5.35 -0.68 -15.23
N THR A 267 6.13 0.15 -15.91
CA THR A 267 7.26 -0.33 -16.70
C THR A 267 8.30 -1.04 -15.83
N GLN A 268 8.74 -0.39 -14.76
CA GLN A 268 9.79 -0.94 -13.92
C GLN A 268 9.33 -2.22 -13.24
N THR A 269 8.09 -2.23 -12.76
CA THR A 269 7.59 -3.40 -12.04
C THR A 269 7.33 -4.58 -12.98
N LEU A 270 6.63 -4.33 -14.08
CA LEU A 270 6.40 -5.37 -15.10
C LEU A 270 7.72 -5.95 -15.62
N HIS A 271 8.69 -5.08 -15.85
CA HIS A 271 10.02 -5.53 -16.25
C HIS A 271 10.62 -6.45 -15.20
N PHE A 272 10.56 -6.03 -13.94
CA PHE A 272 11.05 -6.86 -12.84
C PHE A 272 10.25 -8.17 -12.73
N PHE A 273 8.96 -8.13 -13.10
CA PHE A 273 8.14 -9.35 -13.13
C PHE A 273 8.40 -10.24 -14.33
N GLY A 274 9.23 -9.79 -15.25
CA GLY A 274 9.57 -10.57 -16.44
C GLY A 274 8.55 -10.46 -17.56
N LYS A 275 7.72 -9.43 -17.53
CA LYS A 275 6.70 -9.22 -18.56
C LYS A 275 7.13 -8.22 -19.65
N LEU A 276 8.31 -7.63 -19.49
CA LEU A 276 8.87 -6.70 -20.48
C LEU A 276 10.35 -7.01 -20.73
S SO4 B . -0.67 6.83 2.07
O1 SO4 B . -1.91 6.02 2.17
O2 SO4 B . 0.01 6.49 0.81
O3 SO4 B . -0.94 8.27 2.03
O4 SO4 B . 0.17 6.50 3.24
S SO4 C . 4.88 8.43 -16.41
O1 SO4 C . 5.06 9.78 -15.83
O2 SO4 C . 3.44 8.11 -16.53
O3 SO4 C . 5.50 8.38 -17.76
O4 SO4 C . 5.55 7.43 -15.56
S SO4 D . -15.91 20.64 3.48
O1 SO4 D . -15.92 21.60 4.61
O2 SO4 D . -17.11 20.83 2.64
O3 SO4 D . -14.71 20.88 2.65
O4 SO4 D . -15.90 19.25 4.01
#